data_1N0G
#
_entry.id   1N0G
#
_cell.length_a   101.442
_cell.length_b   101.442
_cell.length_c   38.193
_cell.angle_alpha   90.00
_cell.angle_beta   90.00
_cell.angle_gamma   90.00
#
_symmetry.space_group_name_H-M   'P 4'
#
loop_
_entity.id
_entity.type
_entity.pdbx_description
1 polymer 'Protein mraZ'
2 water water
#
_entity_poly.entity_id   1
_entity_poly.type   'polypeptide(L)'
_entity_poly.pdbx_seq_one_letter_code
;MGSSHHHHHHDYDIPTTENLYFQGHMLLGTFNITLDAKNRISLPAKLRAFFEGSIVINRGFENCLEVRKPQDFQKYFEQF
NSFPSTQKDTRTLKRLIFANANFVDVDTAGRVLIPNNLINDAKLDKEIVLIGQFDHLEIWDKKLYEDYLANSESLETVAE
RMKDVK
;
_entity_poly.pdbx_strand_id   A,B
#
# COMPACT_ATOMS: atom_id res chain seq x y z
N PHE A 22 -8.72 -15.86 -24.21
CA PHE A 22 -7.35 -15.29 -24.14
C PHE A 22 -7.34 -13.84 -24.62
N GLN A 23 -7.89 -13.64 -25.80
CA GLN A 23 -8.00 -12.32 -26.41
C GLN A 23 -8.03 -11.20 -25.35
N GLY A 24 -8.82 -11.40 -24.29
CA GLY A 24 -8.93 -10.39 -23.25
C GLY A 24 -8.79 -10.88 -21.82
N HIS A 25 -7.94 -11.89 -21.60
CA HIS A 25 -7.67 -12.41 -20.26
C HIS A 25 -6.16 -12.40 -20.09
N MET A 26 -5.46 -12.02 -21.15
CA MET A 26 -4.01 -11.95 -21.10
C MET A 26 -3.60 -10.51 -21.37
N LEU A 27 -2.98 -9.87 -20.37
CA LEU A 27 -2.55 -8.49 -20.52
C LEU A 27 -1.20 -8.46 -21.27
N LEU A 28 -1.25 -8.21 -22.58
CA LEU A 28 -0.07 -8.16 -23.44
C LEU A 28 -0.03 -6.96 -24.35
N GLY A 29 1.13 -6.73 -24.97
CA GLY A 29 1.25 -5.62 -25.90
C GLY A 29 1.56 -4.25 -25.35
N THR A 30 1.57 -3.29 -26.26
CA THR A 30 1.86 -1.89 -25.97
C THR A 30 0.78 -1.01 -26.60
N PHE A 31 0.20 -0.12 -25.81
CA PHE A 31 -0.83 0.76 -26.33
C PHE A 31 -0.50 2.20 -26.10
N ASN A 32 -0.61 3.00 -27.16
CA ASN A 32 -0.34 4.42 -27.05
C ASN A 32 -1.66 5.13 -26.90
N ILE A 33 -1.91 5.67 -25.71
CA ILE A 33 -3.13 6.41 -25.44
C ILE A 33 -2.74 7.71 -24.74
N THR A 34 -3.71 8.59 -24.49
CA THR A 34 -3.40 9.86 -23.86
C THR A 34 -4.18 10.17 -22.60
N LEU A 35 -3.60 11.02 -21.76
CA LEU A 35 -4.23 11.42 -20.51
C LEU A 35 -5.28 12.50 -20.79
N ASP A 36 -6.53 12.18 -20.51
CA ASP A 36 -7.63 13.11 -20.75
C ASP A 36 -7.61 14.33 -19.80
N ALA A 37 -8.31 15.39 -20.22
CA ALA A 37 -8.37 16.62 -19.44
C ALA A 37 -8.90 16.45 -18.02
N LYS A 38 -9.44 15.27 -17.71
CA LYS A 38 -9.97 15.01 -16.37
C LYS A 38 -9.06 13.98 -15.68
N ASN A 39 -7.87 13.78 -16.26
CA ASN A 39 -6.91 12.83 -15.74
C ASN A 39 -7.36 11.39 -15.84
N ARG A 40 -8.22 11.10 -16.80
CA ARG A 40 -8.69 9.75 -16.97
C ARG A 40 -7.91 9.08 -18.07
N ILE A 41 -7.97 7.74 -18.08
CA ILE A 41 -7.27 6.95 -19.06
C ILE A 41 -8.29 6.00 -19.67
N SER A 42 -8.20 5.79 -20.98
CA SER A 42 -9.14 4.91 -21.67
C SER A 42 -8.55 3.54 -21.96
N LEU A 43 -8.97 2.54 -21.20
CA LEU A 43 -8.47 1.19 -21.42
C LEU A 43 -8.78 0.82 -22.87
N PRO A 44 -7.84 0.11 -23.54
CA PRO A 44 -7.91 -0.36 -24.93
C PRO A 44 -9.06 -1.27 -25.35
N ALA A 45 -10.24 -1.06 -24.79
CA ALA A 45 -11.42 -1.86 -25.17
C ALA A 45 -11.24 -3.35 -24.93
N LYS A 46 -10.42 -4.00 -25.73
CA LYS A 46 -10.19 -5.43 -25.56
C LYS A 46 -9.84 -5.74 -24.10
N LEU A 47 -9.06 -4.85 -23.50
CA LEU A 47 -8.66 -5.01 -22.11
C LEU A 47 -9.84 -4.92 -21.16
N ARG A 48 -10.70 -3.93 -21.37
CA ARG A 48 -11.88 -3.73 -20.53
C ARG A 48 -12.48 -5.07 -20.12
N ALA A 49 -12.40 -6.04 -21.01
CA ALA A 49 -12.91 -7.37 -20.72
C ALA A 49 -12.29 -7.86 -19.41
N PHE A 50 -10.98 -8.04 -19.46
CA PHE A 50 -10.18 -8.51 -18.33
C PHE A 50 -10.68 -8.00 -16.98
N PHE A 51 -10.90 -6.69 -16.89
CA PHE A 51 -11.33 -6.09 -15.63
C PHE A 51 -12.84 -6.05 -15.47
N GLU A 52 -13.29 -5.86 -14.23
CA GLU A 52 -14.72 -5.74 -13.95
C GLU A 52 -15.02 -4.27 -14.16
N GLY A 53 -15.41 -3.61 -13.08
CA GLY A 53 -15.72 -2.20 -13.13
C GLY A 53 -14.91 -1.48 -12.08
N SER A 54 -13.89 -2.18 -11.58
CA SER A 54 -13.02 -1.61 -10.56
C SER A 54 -11.63 -2.21 -10.65
N ILE A 55 -10.63 -1.43 -10.24
CA ILE A 55 -9.26 -1.90 -10.23
C ILE A 55 -8.51 -1.23 -9.09
N VAL A 56 -7.27 -1.63 -8.89
CA VAL A 56 -6.42 -1.02 -7.87
C VAL A 56 -5.23 -0.51 -8.65
N ILE A 57 -4.96 0.78 -8.53
CA ILE A 57 -3.87 1.38 -9.27
C ILE A 57 -2.47 1.29 -8.60
N ASN A 58 -2.24 1.90 -7.46
CA ASN A 58 -0.90 1.80 -6.81
C ASN A 58 0.36 2.10 -7.65
N ARG A 59 1.37 2.67 -7.00
CA ARG A 59 2.62 3.04 -7.65
C ARG A 59 3.48 1.85 -8.05
N GLY A 60 4.07 1.91 -9.23
CA GLY A 60 4.90 0.82 -9.71
C GLY A 60 6.39 1.13 -9.64
N PHE A 61 7.21 0.28 -10.22
CA PHE A 61 8.65 0.48 -10.20
C PHE A 61 9.09 1.27 -11.41
N GLU A 62 10.12 2.08 -11.23
CA GLU A 62 10.61 2.93 -12.32
C GLU A 62 9.57 4.01 -12.70
N ASN A 63 8.82 4.50 -11.71
CA ASN A 63 7.80 5.54 -11.91
C ASN A 63 6.70 5.16 -12.88
N CYS A 64 6.17 3.94 -12.79
CA CYS A 64 5.15 3.55 -13.75
C CYS A 64 3.71 3.37 -13.32
N LEU A 65 3.42 3.16 -12.05
CA LEU A 65 1.99 2.94 -11.73
C LEU A 65 1.50 1.60 -12.31
N GLU A 66 0.98 0.74 -11.45
CA GLU A 66 0.49 -0.57 -11.89
C GLU A 66 -1.03 -0.61 -11.86
N VAL A 67 -1.64 -1.54 -12.58
CA VAL A 67 -3.09 -1.68 -12.59
C VAL A 67 -3.49 -3.15 -12.59
N ARG A 68 -4.20 -3.57 -11.54
CA ARG A 68 -4.64 -4.95 -11.38
C ARG A 68 -6.13 -5.07 -11.09
N LYS A 69 -6.70 -6.24 -11.33
CA LYS A 69 -8.10 -6.47 -10.98
C LYS A 69 -7.96 -6.57 -9.46
N PRO A 70 -8.94 -6.05 -8.71
CA PRO A 70 -8.82 -6.14 -7.26
C PRO A 70 -8.38 -7.51 -6.73
N GLN A 71 -8.98 -8.58 -7.24
CA GLN A 71 -8.64 -9.93 -6.79
C GLN A 71 -7.15 -10.19 -6.98
N ASP A 72 -6.63 -9.89 -8.16
CA ASP A 72 -5.21 -10.08 -8.46
C ASP A 72 -4.29 -9.30 -7.52
N PHE A 73 -4.69 -8.07 -7.19
CA PHE A 73 -3.92 -7.23 -6.29
C PHE A 73 -3.86 -7.95 -4.97
N GLN A 74 -4.99 -8.56 -4.62
CA GLN A 74 -5.12 -9.34 -3.39
C GLN A 74 -3.98 -10.37 -3.31
N LYS A 75 -3.76 -11.11 -4.39
CA LYS A 75 -2.71 -12.12 -4.44
C LYS A 75 -1.33 -11.48 -4.44
N TYR A 76 -1.16 -10.42 -5.22
CA TYR A 76 0.12 -9.74 -5.29
C TYR A 76 0.58 -9.45 -3.87
N PHE A 77 -0.35 -9.07 -2.99
CA PHE A 77 0.03 -8.78 -1.61
C PHE A 77 0.58 -10.01 -0.87
N GLU A 78 0.00 -11.18 -1.12
CA GLU A 78 0.45 -12.40 -0.47
C GLU A 78 1.97 -12.54 -0.60
N GLN A 79 2.46 -12.34 -1.82
CA GLN A 79 3.90 -12.45 -2.08
C GLN A 79 4.73 -11.65 -1.08
N PHE A 80 4.12 -10.64 -0.48
CA PHE A 80 4.82 -9.80 0.47
C PHE A 80 4.85 -10.33 1.89
N ASN A 81 3.71 -10.83 2.40
CA ASN A 81 3.71 -11.39 3.75
C ASN A 81 4.89 -12.36 3.77
N SER A 82 5.16 -12.92 2.59
CA SER A 82 6.27 -13.84 2.41
C SER A 82 7.54 -13.19 2.92
N PHE A 83 7.80 -11.97 2.46
CA PHE A 83 8.98 -11.21 2.87
C PHE A 83 8.92 -10.90 4.36
N PRO A 84 10.05 -11.10 5.07
CA PRO A 84 10.19 -10.86 6.50
C PRO A 84 9.10 -10.04 7.14
N SER A 85 9.42 -8.79 7.45
CA SER A 85 8.50 -7.85 8.10
C SER A 85 9.32 -7.18 9.19
N THR A 86 10.29 -7.94 9.69
CA THR A 86 11.20 -7.46 10.71
C THR A 86 12.33 -6.73 9.99
N GLN A 87 12.34 -6.85 8.68
CA GLN A 87 13.35 -6.19 7.86
C GLN A 87 12.86 -4.79 7.54
N LYS A 88 13.67 -3.80 7.89
CA LYS A 88 13.35 -2.39 7.67
C LYS A 88 12.93 -2.19 6.23
N ASP A 89 13.69 -2.82 5.32
CA ASP A 89 13.40 -2.70 3.91
C ASP A 89 11.99 -3.17 3.59
N THR A 90 11.61 -4.34 4.06
CA THR A 90 10.26 -4.85 3.79
C THR A 90 9.23 -3.79 4.18
N ARG A 91 9.39 -3.22 5.37
CA ARG A 91 8.45 -2.21 5.82
C ARG A 91 8.44 -1.00 4.90
N THR A 92 9.60 -0.62 4.37
CA THR A 92 9.63 0.53 3.48
C THR A 92 8.87 0.24 2.19
N LEU A 93 9.06 -0.95 1.64
CA LEU A 93 8.36 -1.36 0.42
C LEU A 93 6.86 -1.28 0.65
N LYS A 94 6.38 -2.07 1.60
CA LYS A 94 4.95 -2.11 1.90
C LYS A 94 4.37 -0.72 2.05
N ARG A 95 5.10 0.16 2.71
CA ARG A 95 4.60 1.50 2.91
C ARG A 95 4.59 2.32 1.62
N LEU A 96 5.68 2.27 0.87
CA LEU A 96 5.75 3.03 -0.38
C LEU A 96 4.71 2.59 -1.39
N ILE A 97 4.32 1.32 -1.35
CA ILE A 97 3.35 0.83 -2.31
C ILE A 97 1.89 0.90 -1.84
N PHE A 98 1.57 0.20 -0.76
CA PHE A 98 0.21 0.16 -0.25
C PHE A 98 -0.41 1.44 0.29
N ALA A 99 0.41 2.36 0.76
CA ALA A 99 -0.13 3.62 1.24
C ALA A 99 -0.43 4.46 0.01
N ASN A 100 -0.10 3.92 -1.15
CA ASN A 100 -0.34 4.62 -2.40
C ASN A 100 -1.28 3.95 -3.38
N ALA A 101 -1.79 2.78 -2.99
CA ALA A 101 -2.74 2.03 -3.80
C ALA A 101 -4.06 2.75 -3.62
N ASN A 102 -4.95 2.73 -4.62
CA ASN A 102 -6.19 3.46 -4.43
C ASN A 102 -7.59 2.89 -4.66
N PHE A 103 -7.76 1.91 -5.55
CA PHE A 103 -9.12 1.39 -5.82
C PHE A 103 -9.82 2.46 -6.65
N VAL A 104 -10.07 2.16 -7.92
CA VAL A 104 -10.71 3.11 -8.80
C VAL A 104 -11.77 2.38 -9.60
N ASP A 105 -12.91 3.02 -9.82
CA ASP A 105 -13.95 2.38 -10.62
C ASP A 105 -13.72 2.72 -12.07
N VAL A 106 -13.87 1.74 -12.95
CA VAL A 106 -13.71 1.98 -14.38
C VAL A 106 -15.08 2.50 -14.80
N ASP A 107 -15.12 3.66 -15.45
CA ASP A 107 -16.41 4.22 -15.87
C ASP A 107 -17.03 3.52 -17.07
N THR A 108 -18.23 3.93 -17.44
CA THR A 108 -18.96 3.33 -18.56
C THR A 108 -18.14 3.20 -19.84
N ALA A 109 -17.46 4.26 -20.21
CA ALA A 109 -16.65 4.25 -21.43
C ALA A 109 -15.35 3.46 -21.24
N GLY A 110 -15.21 2.84 -20.08
CA GLY A 110 -14.02 2.05 -19.79
C GLY A 110 -12.83 2.90 -19.42
N ARG A 111 -13.09 4.10 -18.93
CA ARG A 111 -11.99 4.97 -18.52
C ARG A 111 -11.73 4.85 -17.04
N VAL A 112 -10.52 5.23 -16.67
CA VAL A 112 -10.10 5.17 -15.28
C VAL A 112 -9.48 6.49 -14.87
N LEU A 113 -10.03 7.06 -13.79
CA LEU A 113 -9.54 8.32 -13.28
C LEU A 113 -8.30 8.02 -12.41
N ILE A 114 -7.16 8.53 -12.82
CA ILE A 114 -5.90 8.32 -12.09
C ILE A 114 -5.70 9.39 -11.03
N PRO A 115 -5.48 8.99 -9.76
CA PRO A 115 -5.27 9.95 -8.69
C PRO A 115 -4.12 10.90 -8.97
N ASN A 116 -4.19 12.08 -8.37
CA ASN A 116 -3.20 13.13 -8.54
C ASN A 116 -1.81 12.68 -8.13
N ASN A 117 -1.68 12.24 -6.88
CA ASN A 117 -0.39 11.79 -6.36
C ASN A 117 0.23 10.80 -7.31
N LEU A 118 -0.55 9.80 -7.71
CA LEU A 118 -0.07 8.78 -8.65
C LEU A 118 0.28 9.44 -9.97
N ILE A 119 -0.51 10.45 -10.39
CA ILE A 119 -0.24 11.17 -11.61
C ILE A 119 1.15 11.78 -11.49
N ASN A 120 1.35 12.56 -10.43
CA ASN A 120 2.64 13.21 -10.20
C ASN A 120 3.75 12.20 -10.11
N ASP A 121 3.55 11.15 -9.31
CA ASP A 121 4.54 10.11 -9.12
C ASP A 121 5.02 9.49 -10.43
N ALA A 122 4.10 9.21 -11.34
CA ALA A 122 4.45 8.62 -12.62
C ALA A 122 4.74 9.65 -13.72
N LYS A 123 4.87 10.92 -13.32
CA LYS A 123 5.15 12.03 -14.23
C LYS A 123 4.23 12.01 -15.43
N LEU A 124 2.98 11.65 -15.20
CA LEU A 124 2.00 11.59 -16.27
C LEU A 124 1.60 12.98 -16.73
N ASP A 125 1.85 13.27 -18.01
CA ASP A 125 1.50 14.57 -18.58
C ASP A 125 0.39 14.40 -19.60
N LYS A 126 0.78 14.18 -20.85
CA LYS A 126 -0.16 13.96 -21.93
C LYS A 126 0.59 12.94 -22.79
N GLU A 127 -0.10 11.88 -23.20
CA GLU A 127 0.51 10.81 -23.98
C GLU A 127 1.02 9.75 -23.01
N ILE A 128 0.27 8.66 -22.93
CA ILE A 128 0.59 7.55 -22.05
C ILE A 128 0.94 6.31 -22.88
N VAL A 129 1.66 5.40 -22.25
CA VAL A 129 1.98 4.13 -22.89
C VAL A 129 1.57 3.06 -21.90
N LEU A 130 0.72 2.15 -22.34
CA LEU A 130 0.28 1.05 -21.50
C LEU A 130 0.95 -0.19 -22.02
N ILE A 131 1.43 -1.04 -21.12
CA ILE A 131 2.02 -2.29 -21.57
C ILE A 131 1.40 -3.40 -20.75
N GLY A 132 1.23 -4.55 -21.37
CA GLY A 132 0.68 -5.69 -20.66
C GLY A 132 1.78 -6.48 -20.00
N GLN A 133 1.56 -6.88 -18.76
CA GLN A 133 2.52 -7.66 -18.01
C GLN A 133 1.76 -8.88 -17.52
N PHE A 134 0.90 -9.39 -18.39
CA PHE A 134 0.09 -10.58 -18.09
C PHE A 134 -0.78 -10.38 -16.86
N ASP A 135 -0.18 -10.45 -15.68
CA ASP A 135 -0.90 -10.27 -14.42
C ASP A 135 -1.51 -8.88 -14.36
N HIS A 136 -0.65 -7.87 -14.44
CA HIS A 136 -1.07 -6.49 -14.35
C HIS A 136 -0.81 -5.67 -15.60
N LEU A 137 -1.06 -4.38 -15.47
CA LEU A 137 -0.86 -3.42 -16.53
C LEU A 137 -0.01 -2.29 -15.97
N GLU A 138 0.95 -1.79 -16.74
CA GLU A 138 1.76 -0.67 -16.28
C GLU A 138 1.41 0.53 -17.13
N ILE A 139 1.33 1.69 -16.48
CA ILE A 139 1.04 2.94 -17.16
C ILE A 139 2.31 3.78 -17.22
N TRP A 140 2.77 4.09 -18.41
CA TRP A 140 3.98 4.90 -18.52
C TRP A 140 3.79 6.23 -19.24
N ASP A 141 4.63 7.19 -18.87
CA ASP A 141 4.62 8.47 -19.55
C ASP A 141 5.43 8.10 -20.79
N LYS A 142 4.89 8.37 -21.96
CA LYS A 142 5.57 8.01 -23.20
C LYS A 142 7.08 8.27 -23.19
N LYS A 143 7.48 9.45 -22.74
CA LYS A 143 8.89 9.77 -22.71
C LYS A 143 9.65 8.86 -21.75
N LEU A 144 9.31 8.95 -20.46
CA LEU A 144 9.94 8.15 -19.42
C LEU A 144 10.09 6.69 -19.81
N TYR A 145 9.13 6.18 -20.55
CA TYR A 145 9.14 4.80 -20.98
C TYR A 145 10.20 4.61 -22.06
N GLU A 146 10.18 5.50 -23.03
CA GLU A 146 11.15 5.44 -24.11
C GLU A 146 12.56 5.48 -23.54
N ASP A 147 12.76 6.34 -22.53
CA ASP A 147 14.08 6.43 -21.92
C ASP A 147 14.42 5.09 -21.28
N TYR A 148 13.53 4.62 -20.41
CA TYR A 148 13.74 3.35 -19.73
C TYR A 148 14.21 2.30 -20.71
N LEU A 149 13.51 2.22 -21.84
CA LEU A 149 13.88 1.26 -22.86
C LEU A 149 15.26 1.56 -23.41
N ALA A 150 15.60 2.84 -23.49
CA ALA A 150 16.92 3.28 -23.98
C ALA A 150 18.05 2.65 -23.16
N ASN A 151 18.03 2.82 -21.85
CA ASN A 151 19.05 2.19 -21.02
C ASN A 151 18.66 0.72 -21.02
N SER A 152 18.76 0.08 -19.87
CA SER A 152 18.40 -1.33 -19.79
C SER A 152 19.29 -2.14 -20.73
N GLU A 153 19.98 -3.11 -20.17
CA GLU A 153 20.83 -3.94 -21.00
C GLU A 153 19.97 -4.82 -21.90
N SER A 154 20.63 -5.63 -22.70
CA SER A 154 19.97 -6.54 -23.60
C SER A 154 19.09 -7.53 -22.85
N LEU A 155 18.09 -8.05 -23.54
CA LEU A 155 17.20 -9.06 -23.00
C LEU A 155 18.06 -10.23 -22.55
N GLU A 156 19.01 -10.62 -23.40
CA GLU A 156 19.90 -11.74 -23.08
C GLU A 156 20.74 -11.50 -21.82
N THR A 157 21.22 -10.27 -21.65
CA THR A 157 22.03 -9.94 -20.48
C THR A 157 21.22 -10.09 -19.21
N VAL A 158 20.08 -9.41 -19.20
CA VAL A 158 19.17 -9.41 -18.06
C VAL A 158 18.71 -10.81 -17.72
N ALA A 159 18.44 -11.61 -18.74
CA ALA A 159 17.97 -12.96 -18.50
C ALA A 159 19.03 -13.86 -17.87
N GLU A 160 20.26 -13.73 -18.33
CA GLU A 160 21.36 -14.55 -17.83
C GLU A 160 21.47 -14.53 -16.31
N ARG A 161 21.14 -13.39 -15.73
CA ARG A 161 21.21 -13.19 -14.29
C ARG A 161 20.04 -13.75 -13.47
N MET A 162 18.95 -14.16 -14.12
CA MET A 162 17.82 -14.71 -13.37
C MET A 162 18.21 -16.04 -12.74
N PHE B 22 -13.94 -5.87 -1.09
CA PHE B 22 -12.56 -5.33 -1.33
C PHE B 22 -12.48 -3.91 -0.79
N GLN B 23 -13.38 -3.07 -1.29
CA GLN B 23 -13.46 -1.68 -0.89
C GLN B 23 -13.20 -1.50 0.62
N GLY B 24 -13.65 -2.46 1.41
CA GLY B 24 -13.46 -2.41 2.84
C GLY B 24 -12.96 -3.74 3.38
N HIS B 25 -12.05 -4.35 2.62
CA HIS B 25 -11.44 -5.63 2.98
C HIS B 25 -9.94 -5.49 2.75
N MET B 26 -9.59 -4.40 2.06
CA MET B 26 -8.21 -4.08 1.76
C MET B 26 -7.89 -2.69 2.29
N LEU B 27 -7.07 -2.66 3.32
CA LEU B 27 -6.62 -1.42 3.96
C LEU B 27 -5.56 -0.76 3.07
N LEU B 28 -5.96 0.28 2.32
CA LEU B 28 -5.07 1.00 1.40
C LEU B 28 -5.17 2.51 1.51
N GLY B 29 -4.22 3.20 0.90
CA GLY B 29 -4.27 4.65 0.90
C GLY B 29 -3.68 5.38 2.09
N THR B 30 -3.84 6.70 2.04
CA THR B 30 -3.33 7.61 3.08
C THR B 30 -4.44 8.55 3.51
N PHE B 31 -4.67 8.65 4.81
CA PHE B 31 -5.73 9.53 5.32
C PHE B 31 -5.20 10.53 6.32
N ASN B 32 -5.52 11.79 6.09
CA ASN B 32 -5.08 12.82 7.02
C ASN B 32 -6.22 13.11 7.96
N ILE B 33 -6.05 12.73 9.22
CA ILE B 33 -7.06 12.99 10.25
C ILE B 33 -6.34 13.56 11.46
N THR B 34 -7.10 13.94 12.49
CA THR B 34 -6.47 14.54 13.66
C THR B 34 -6.82 13.88 14.98
N LEU B 35 -5.94 14.04 15.95
CA LEU B 35 -6.13 13.48 17.28
C LEU B 35 -7.08 14.36 18.08
N ASP B 36 -8.24 13.80 18.43
CA ASP B 36 -9.26 14.53 19.18
C ASP B 36 -8.84 14.87 20.63
N ALA B 37 -9.50 15.86 21.21
CA ALA B 37 -9.21 16.29 22.58
C ALA B 37 -9.32 15.18 23.64
N LYS B 38 -9.87 14.03 23.25
CA LYS B 38 -10.01 12.91 24.17
C LYS B 38 -9.06 11.79 23.74
N ASN B 39 -8.12 12.15 22.86
CA ASN B 39 -7.14 11.20 22.34
C ASN B 39 -7.75 10.11 21.47
N ARG B 40 -8.88 10.42 20.86
CA ARG B 40 -9.52 9.44 20.01
C ARG B 40 -9.17 9.74 18.56
N ILE B 41 -9.35 8.73 17.72
CA ILE B 41 -9.06 8.83 16.31
C ILE B 41 -10.31 8.39 15.57
N SER B 42 -10.63 9.08 14.47
CA SER B 42 -11.82 8.75 13.69
C SER B 42 -11.48 7.97 12.43
N LEU B 43 -11.76 6.67 12.44
CA LEU B 43 -11.50 5.85 11.28
C LEU B 43 -12.25 6.46 10.10
N PRO B 44 -11.64 6.45 8.91
CA PRO B 44 -12.15 6.98 7.64
C PRO B 44 -13.47 6.43 7.08
N ALA B 45 -14.40 6.09 7.94
CA ALA B 45 -15.70 5.60 7.51
C ALA B 45 -15.62 4.32 6.68
N LYS B 46 -15.15 4.44 5.44
CA LYS B 46 -15.03 3.28 4.57
C LYS B 46 -14.30 2.15 5.30
N LEU B 47 -13.29 2.52 6.08
CA LEU B 47 -12.51 1.56 6.86
C LEU B 47 -13.37 0.88 7.91
N ARG B 48 -14.13 1.67 8.66
CA ARG B 48 -14.99 1.14 9.71
C ARG B 48 -15.57 -0.20 9.33
N ALA B 49 -15.87 -0.36 8.05
CA ALA B 49 -16.42 -1.61 7.54
C ALA B 49 -15.49 -2.75 7.98
N PHE B 50 -14.28 -2.70 7.44
CA PHE B 50 -13.24 -3.69 7.72
C PHE B 50 -13.26 -4.23 9.15
N PHE B 51 -13.30 -3.33 10.11
CA PHE B 51 -13.29 -3.73 11.53
C PHE B 51 -14.66 -3.97 12.11
N GLU B 52 -14.71 -4.67 13.24
CA GLU B 52 -15.97 -4.93 13.91
C GLU B 52 -16.18 -3.72 14.81
N GLY B 53 -16.16 -3.95 16.11
CA GLY B 53 -16.33 -2.87 17.07
C GLY B 53 -15.16 -2.91 18.03
N SER B 54 -14.13 -3.64 17.65
CA SER B 54 -12.94 -3.77 18.48
C SER B 54 -11.71 -4.01 17.64
N ILE B 55 -10.56 -3.57 18.15
CA ILE B 55 -9.29 -3.76 17.44
C ILE B 55 -8.18 -3.92 18.48
N VAL B 56 -6.98 -4.20 17.99
CA VAL B 56 -5.82 -4.31 18.86
C VAL B 56 -4.87 -3.29 18.31
N ILE B 57 -4.44 -2.34 19.14
CA ILE B 57 -3.54 -1.29 18.67
C ILE B 57 -2.04 -1.62 18.68
N ASN B 58 -1.41 -1.87 19.83
CA ASN B 58 0.03 -2.22 19.83
C ASN B 58 1.02 -1.30 19.07
N ARG B 59 2.22 -1.17 19.62
CA ARG B 59 3.26 -0.33 19.02
C ARG B 59 3.84 -0.89 17.73
N GLY B 60 4.05 -0.02 16.74
CA GLY B 60 4.60 -0.46 15.47
C GLY B 60 6.06 -0.09 15.30
N PHE B 61 6.59 -0.27 14.10
CA PHE B 61 7.98 0.05 13.83
C PHE B 61 8.13 1.48 13.36
N GLU B 62 9.25 2.10 13.72
CA GLU B 62 9.48 3.50 13.34
C GLU B 62 8.49 4.44 14.06
N ASN B 63 8.13 4.10 15.29
CA ASN B 63 7.21 4.88 16.12
C ASN B 63 5.83 5.10 15.51
N CYS B 64 5.23 4.05 14.93
CA CYS B 64 3.94 4.25 14.30
C CYS B 64 2.68 3.68 14.91
N LEU B 65 2.75 2.67 15.77
CA LEU B 65 1.47 2.14 16.26
C LEU B 65 0.69 1.44 15.13
N GLU B 66 0.35 0.17 15.33
CA GLU B 66 -0.37 -0.59 14.32
C GLU B 66 -1.82 -0.82 14.75
N VAL B 67 -2.70 -1.13 13.81
CA VAL B 67 -4.10 -1.39 14.13
C VAL B 67 -4.63 -2.56 13.29
N ARG B 68 -5.04 -3.62 13.98
CA ARG B 68 -5.56 -4.83 13.33
C ARG B 68 -6.91 -5.28 13.90
N LYS B 69 -7.64 -6.09 13.14
CA LYS B 69 -8.89 -6.64 13.64
C LYS B 69 -8.33 -7.66 14.61
N PRO B 70 -8.99 -7.87 15.75
CA PRO B 70 -8.46 -8.86 16.69
C PRO B 70 -8.02 -10.17 16.05
N GLN B 71 -8.85 -10.73 15.18
CA GLN B 71 -8.54 -11.99 14.52
C GLN B 71 -7.21 -11.91 13.80
N ASP B 72 -7.02 -10.85 13.02
CA ASP B 72 -5.79 -10.65 12.27
C ASP B 72 -4.57 -10.57 13.17
N PHE B 73 -4.72 -9.89 14.29
CA PHE B 73 -3.63 -9.75 15.26
C PHE B 73 -3.27 -11.14 15.71
N GLN B 74 -4.29 -11.96 15.90
CA GLN B 74 -4.13 -13.34 16.30
C GLN B 74 -3.13 -14.04 15.37
N LYS B 75 -3.33 -13.88 14.07
CA LYS B 75 -2.44 -14.49 13.08
C LYS B 75 -1.07 -13.86 13.09
N TYR B 76 -1.03 -12.53 13.15
CA TYR B 76 0.24 -11.83 13.18
C TYR B 76 1.12 -12.46 14.24
N PHE B 77 0.54 -12.84 15.38
CA PHE B 77 1.33 -13.47 16.43
C PHE B 77 1.94 -14.81 16.01
N GLU B 78 1.20 -15.60 15.24
CA GLU B 78 1.69 -16.89 14.80
C GLU B 78 3.07 -16.74 14.17
N GLN B 79 3.21 -15.75 13.30
CA GLN B 79 4.49 -15.51 12.63
C GLN B 79 5.66 -15.45 13.61
N PHE B 80 5.36 -15.14 14.87
CA PHE B 80 6.40 -15.03 15.88
C PHE B 80 6.78 -16.34 16.54
N ASN B 81 5.80 -17.17 16.91
CA ASN B 81 6.14 -18.46 17.49
C ASN B 81 7.16 -19.07 16.56
N SER B 82 7.01 -18.71 15.28
CA SER B 82 7.91 -19.18 14.23
C SER B 82 9.34 -18.85 14.64
N PHE B 83 9.57 -17.61 15.04
CA PHE B 83 10.89 -17.16 15.47
C PHE B 83 11.31 -17.89 16.75
N PRO B 84 12.57 -18.36 16.79
CA PRO B 84 13.15 -19.09 17.92
C PRO B 84 12.38 -19.00 19.22
N SER B 85 12.91 -18.21 20.16
CA SER B 85 12.31 -18.03 21.48
C SER B 85 13.49 -18.12 22.44
N THR B 86 14.49 -18.91 22.03
CA THR B 86 15.70 -19.11 22.80
C THR B 86 16.64 -17.96 22.43
N GLN B 87 16.26 -17.21 21.41
CA GLN B 87 17.05 -16.06 20.97
C GLN B 87 16.63 -14.85 21.78
N LYS B 88 17.62 -14.23 22.44
CA LYS B 88 17.39 -13.06 23.28
C LYS B 88 16.59 -12.03 22.51
N ASP B 89 16.97 -11.84 21.25
CA ASP B 89 16.29 -10.87 20.40
C ASP B 89 14.81 -11.18 20.28
N THR B 90 14.46 -12.42 19.95
CA THR B 90 13.05 -12.80 19.83
C THR B 90 12.29 -12.35 21.08
N ARG B 91 12.85 -12.65 22.26
CA ARG B 91 12.20 -12.29 23.50
C ARG B 91 12.05 -10.79 23.63
N THR B 92 13.03 -10.04 23.16
CA THR B 92 12.92 -8.59 23.27
C THR B 92 11.78 -8.06 22.39
N LEU B 93 11.69 -8.57 21.17
CA LEU B 93 10.63 -8.19 20.25
C LEU B 93 9.27 -8.44 20.89
N LYS B 94 9.01 -9.71 21.21
CA LYS B 94 7.73 -10.10 21.80
C LYS B 94 7.37 -9.19 22.96
N ARG B 95 8.34 -8.90 23.79
CA ARG B 95 8.07 -8.06 24.94
C ARG B 95 7.78 -6.62 24.56
N LEU B 96 8.58 -6.03 23.68
CA LEU B 96 8.37 -4.65 23.28
C LEU B 96 7.04 -4.45 22.56
N ILE B 97 6.55 -5.49 21.89
CA ILE B 97 5.28 -5.36 21.17
C ILE B 97 4.05 -5.78 21.97
N PHE B 98 3.99 -7.04 22.39
CA PHE B 98 2.84 -7.55 23.11
C PHE B 98 2.55 -6.99 24.49
N ALA B 99 3.56 -6.50 25.19
CA ALA B 99 3.31 -5.92 26.50
C ALA B 99 2.76 -4.53 26.25
N ASN B 100 2.67 -4.16 24.98
CA ASN B 100 2.16 -2.84 24.61
C ASN B 100 0.91 -2.85 23.76
N ALA B 101 0.41 -4.03 23.44
CA ALA B 101 -0.81 -4.18 22.65
C ALA B 101 -1.94 -3.90 23.64
N ASN B 102 -3.08 -3.39 23.17
CA ASN B 102 -4.12 -3.09 24.13
C ASN B 102 -5.58 -3.54 23.99
N PHE B 103 -6.11 -3.72 22.78
CA PHE B 103 -7.53 -4.09 22.65
C PHE B 103 -8.33 -2.84 22.96
N VAL B 104 -8.97 -2.28 21.94
CA VAL B 104 -9.75 -1.06 22.11
C VAL B 104 -11.05 -1.22 21.38
N ASP B 105 -12.13 -0.73 21.96
CA ASP B 105 -13.42 -0.82 21.29
C ASP B 105 -13.59 0.40 20.40
N VAL B 106 -14.10 0.20 19.20
CA VAL B 106 -14.34 1.31 18.30
C VAL B 106 -15.71 1.82 18.72
N ASP B 107 -15.82 3.12 19.04
CA ASP B 107 -17.10 3.67 19.46
C ASP B 107 -18.11 3.83 18.33
N THR B 108 -19.32 4.25 18.69
CA THR B 108 -20.41 4.41 17.72
C THR B 108 -20.03 5.24 16.48
N ALA B 109 -19.37 6.38 16.71
CA ALA B 109 -18.96 7.24 15.61
C ALA B 109 -17.75 6.66 14.86
N GLY B 110 -17.35 5.45 15.24
CA GLY B 110 -16.22 4.82 14.60
C GLY B 110 -14.87 5.35 15.05
N ARG B 111 -14.85 5.92 16.25
CA ARG B 111 -13.60 6.44 16.77
C ARG B 111 -12.94 5.44 17.68
N VAL B 112 -11.63 5.62 17.85
CA VAL B 112 -10.83 4.73 18.66
C VAL B 112 -10.00 5.55 19.63
N LEU B 113 -10.12 5.23 20.91
CA LEU B 113 -9.38 5.90 21.95
C LEU B 113 -8.00 5.26 22.01
N ILE B 114 -6.96 6.04 21.74
CA ILE B 114 -5.58 5.57 21.74
C ILE B 114 -4.95 5.71 23.12
N PRO B 115 -4.44 4.60 23.69
CA PRO B 115 -3.82 4.67 25.01
C PRO B 115 -2.70 5.70 25.09
N ASN B 116 -2.48 6.21 26.29
CA ASN B 116 -1.47 7.22 26.56
C ASN B 116 -0.07 6.78 26.16
N ASN B 117 0.37 5.67 26.74
CA ASN B 117 1.70 5.13 26.45
C ASN B 117 1.90 5.05 24.94
N LEU B 118 0.94 4.46 24.25
CA LEU B 118 1.00 4.35 22.80
C LEU B 118 1.02 5.75 22.18
N ILE B 119 0.27 6.68 22.77
CA ILE B 119 0.24 8.05 22.28
C ILE B 119 1.65 8.60 22.35
N ASN B 120 2.24 8.51 23.54
CA ASN B 120 3.60 9.01 23.76
C ASN B 120 4.59 8.32 22.86
N ASP B 121 4.51 6.99 22.80
CA ASP B 121 5.41 6.19 21.97
C ASP B 121 5.41 6.61 20.51
N ALA B 122 4.23 6.89 19.95
CA ALA B 122 4.14 7.30 18.55
C ALA B 122 4.20 8.82 18.36
N LYS B 123 4.57 9.54 19.41
CA LYS B 123 4.69 11.01 19.41
C LYS B 123 3.46 11.66 18.81
N LEU B 124 2.30 11.09 19.09
CA LEU B 124 1.05 11.62 18.58
C LEU B 124 0.68 12.93 19.27
N ASP B 125 0.56 13.99 18.48
CA ASP B 125 0.20 15.29 19.02
C ASP B 125 -1.17 15.69 18.49
N LYS B 126 -1.18 16.38 17.37
CA LYS B 126 -2.42 16.80 16.73
C LYS B 126 -2.07 16.67 15.26
N GLU B 127 -2.95 16.04 14.49
CA GLU B 127 -2.72 15.80 13.06
C GLU B 127 -2.06 14.44 12.92
N ILE B 128 -2.86 13.47 12.48
CA ILE B 128 -2.40 12.11 12.30
C ILE B 128 -2.45 11.74 10.82
N VAL B 129 -1.68 10.72 10.47
CA VAL B 129 -1.69 10.21 9.10
C VAL B 129 -1.89 8.70 9.24
N LEU B 130 -2.92 8.20 8.59
CA LEU B 130 -3.22 6.77 8.59
C LEU B 130 -2.86 6.23 7.22
N ILE B 131 -2.22 5.08 7.18
CA ILE B 131 -1.93 4.49 5.89
C ILE B 131 -2.38 3.06 5.94
N GLY B 132 -2.86 2.56 4.81
CA GLY B 132 -3.29 1.18 4.74
C GLY B 132 -2.12 0.28 4.38
N GLN B 133 -2.03 -0.84 5.09
CA GLN B 133 -0.99 -1.81 4.84
C GLN B 133 -1.68 -3.14 4.61
N PHE B 134 -2.81 -3.08 3.91
CA PHE B 134 -3.61 -4.26 3.58
C PHE B 134 -4.07 -5.01 4.83
N ASP B 135 -3.16 -5.75 5.45
CA ASP B 135 -3.47 -6.48 6.67
C ASP B 135 -3.88 -5.53 7.79
N HIS B 136 -2.97 -4.62 8.12
CA HIS B 136 -3.20 -3.68 9.20
C HIS B 136 -3.23 -2.23 8.77
N LEU B 137 -3.27 -1.36 9.76
CA LEU B 137 -3.31 0.07 9.56
C LEU B 137 -2.22 0.65 10.46
N GLU B 138 -1.50 1.66 9.96
CA GLU B 138 -0.47 2.30 10.77
C GLU B 138 -0.92 3.71 11.05
N ILE B 139 -0.67 4.17 12.26
CA ILE B 139 -1.04 5.51 12.67
C ILE B 139 0.24 6.34 12.80
N TRP B 140 0.36 7.40 12.03
CA TRP B 140 1.57 8.21 12.13
C TRP B 140 1.32 9.65 12.53
N ASP B 141 2.32 10.24 13.17
CA ASP B 141 2.25 11.65 13.52
C ASP B 141 2.62 12.27 12.17
N LYS B 142 1.77 13.16 11.65
CA LYS B 142 2.03 13.75 10.35
C LYS B 142 3.50 14.12 10.09
N LYS B 143 4.13 14.77 11.05
CA LYS B 143 5.52 15.15 10.88
C LYS B 143 6.43 13.93 10.75
N LEU B 144 6.49 13.14 11.83
CA LEU B 144 7.31 11.93 11.87
C LEU B 144 7.19 11.09 10.61
N TYR B 145 5.99 11.07 10.03
CA TYR B 145 5.76 10.30 8.83
C TYR B 145 6.41 10.97 7.64
N GLU B 146 6.21 12.28 7.53
CA GLU B 146 6.81 13.02 6.44
C GLU B 146 8.32 12.85 6.47
N ASP B 147 8.89 12.87 7.67
CA ASP B 147 10.34 12.70 7.78
C ASP B 147 10.71 11.33 7.28
N TYR B 148 10.08 10.30 7.84
CA TYR B 148 10.34 8.93 7.45
C TYR B 148 10.39 8.81 5.94
N LEU B 149 9.39 9.39 5.28
CA LEU B 149 9.34 9.35 3.83
C LEU B 149 10.53 10.10 3.24
N ALA B 150 10.96 11.16 3.92
CA ALA B 150 12.10 11.97 3.46
C ALA B 150 13.36 11.11 3.31
N ASN B 151 13.73 10.38 4.36
CA ASN B 151 14.88 9.48 4.25
C ASN B 151 14.36 8.32 3.42
N SER B 152 14.71 7.10 3.79
CA SER B 152 14.25 5.95 3.04
C SER B 152 14.74 6.04 1.61
N GLU B 153 15.46 5.02 1.17
CA GLU B 153 15.95 5.03 -0.19
C GLU B 153 14.77 4.83 -1.14
N SER B 154 15.07 4.80 -2.42
CA SER B 154 14.08 4.63 -3.46
C SER B 154 13.37 3.29 -3.31
N LEU B 155 12.16 3.22 -3.85
CA LEU B 155 11.36 2.01 -3.84
C LEU B 155 12.19 0.93 -4.53
N GLU B 156 12.80 1.28 -5.67
CA GLU B 156 13.62 0.33 -6.41
C GLU B 156 14.80 -0.19 -5.61
N THR B 157 15.44 0.69 -4.84
CA THR B 157 16.60 0.29 -4.03
C THR B 157 16.18 -0.74 -2.99
N VAL B 158 15.19 -0.36 -2.20
CA VAL B 158 14.65 -1.19 -1.14
C VAL B 158 14.17 -2.53 -1.66
N ALA B 159 13.53 -2.52 -2.82
CA ALA B 159 13.01 -3.75 -3.38
C ALA B 159 14.12 -4.71 -3.83
N GLU B 160 15.17 -4.17 -4.44
CA GLU B 160 16.26 -4.98 -4.93
C GLU B 160 16.81 -5.94 -3.88
N ARG B 161 16.81 -5.47 -2.63
CA ARG B 161 17.30 -6.26 -1.50
C ARG B 161 16.37 -7.34 -0.93
N MET B 162 15.10 -7.37 -1.35
CA MET B 162 14.19 -8.39 -0.84
C MET B 162 14.61 -9.76 -1.37
#